data_2VCS
#
_entry.id   2VCS
#
_cell.length_a   81.735
_cell.length_b   81.735
_cell.length_c   74.937
_cell.angle_alpha   90.00
_cell.angle_beta   90.00
_cell.angle_gamma   90.00
#
_symmetry.space_group_name_H-M   'P 42 21 2'
#
loop_
_entity.id
_entity.type
_entity.pdbx_description
1 polymer 'ASCORBATE PEROXIDASE'
2 non-polymer 'PROTOPORPHYRIN IX CONTAINING FE'
3 non-polymer 4-(DIAZENYLCARBONYL)PYRIDINE
4 non-polymer 'SULFATE ION'
5 water water
#
_entity_poly.entity_id   1
_entity_poly.type   'polypeptide(L)'
_entity_poly.pdbx_seq_one_letter_code
;MRGSHHHHHHGSGKSYPTVSADYQKAVEKAKKKLRGFIAEKRCAPLMLRLAWASAGTFDKGTKTGGPFGTIKHPAELAHS
ANNGLDIAVRLLEPLKAEFPILSYADFYQLAGVVAVEVTGGPEVPFHPGREDKPEPPPEGRLPDATKGSDHLRDVFGKAM
GLTDQDIVALSGGHTIGAAHKERSGFEGPWTSNPLIFDNSYFTELLSGEKEGLLQLPSDKALLSDPVFRPLVDKYAADED
AFFADYAEAHQKLSELGFADA
;
_entity_poly.pdbx_strand_id   A
#
loop_
_chem_comp.id
_chem_comp.type
_chem_comp.name
_chem_comp.formula
HEM non-polymer 'PROTOPORPHYRIN IX CONTAINING FE' 'C34 H32 Fe N4 O4'
ISZ non-polymer 4-(DIAZENYLCARBONYL)PYRIDINE 'C6 H5 N3 O'
SO4 non-polymer 'SULFATE ION' 'O4 S -2'
#
# COMPACT_ATOMS: atom_id res chain seq x y z
N GLY A 13 14.30 -12.27 8.34
CA GLY A 13 13.89 -12.26 9.77
C GLY A 13 12.49 -12.81 10.02
N LYS A 14 11.89 -13.41 8.99
CA LYS A 14 10.50 -13.88 9.09
C LYS A 14 10.34 -15.37 9.39
N SER A 15 9.49 -15.66 10.36
CA SER A 15 9.11 -17.01 10.67
C SER A 15 7.58 -17.08 10.56
N TYR A 16 7.08 -17.48 9.40
CA TYR A 16 5.64 -17.43 9.15
C TYR A 16 4.89 -18.52 9.90
N PRO A 17 3.69 -18.18 10.42
CA PRO A 17 2.94 -19.17 11.19
C PRO A 17 2.34 -20.27 10.31
N THR A 18 2.09 -21.41 10.91
CA THR A 18 1.36 -22.47 10.24
C THR A 18 -0.12 -22.08 10.25
N VAL A 19 -0.76 -22.25 9.09
CA VAL A 19 -2.22 -22.18 8.98
C VAL A 19 -2.74 -23.50 8.40
N SER A 20 -4.00 -23.83 8.69
CA SER A 20 -4.57 -25.11 8.26
C SER A 20 -4.68 -25.15 6.73
N ALA A 21 -4.84 -26.36 6.21
CA ALA A 21 -5.09 -26.55 4.77
C ALA A 21 -6.35 -25.78 4.34
N ASP A 22 -7.39 -25.79 5.18
CA ASP A 22 -8.63 -25.07 4.87
C ASP A 22 -8.36 -23.57 4.77
N TYR A 23 -7.50 -23.06 5.65
CA TYR A 23 -7.13 -21.64 5.58
C TYR A 23 -6.44 -21.34 4.23
N GLN A 24 -5.46 -22.16 3.86
CA GLN A 24 -4.75 -21.91 2.60
CA GLN A 24 -4.71 -22.01 2.61
C GLN A 24 -5.62 -22.06 1.39
N LYS A 25 -6.57 -23.00 1.41
CA LYS A 25 -7.57 -23.14 0.33
C LYS A 25 -8.36 -21.83 0.17
N ALA A 26 -8.79 -21.28 1.31
CA ALA A 26 -9.53 -20.03 1.33
C ALA A 26 -8.71 -18.87 0.78
N VAL A 27 -7.41 -18.81 1.12
CA VAL A 27 -6.53 -17.77 0.58
C VAL A 27 -6.52 -17.85 -0.95
N GLU A 28 -6.38 -19.07 -1.46
CA GLU A 28 -6.27 -19.28 -2.89
C GLU A 28 -7.54 -18.89 -3.60
N LYS A 29 -8.68 -19.31 -3.04
CA LYS A 29 -9.99 -18.99 -3.58
CA LYS A 29 -9.98 -18.99 -3.60
C LYS A 29 -10.29 -17.48 -3.49
N ALA A 30 -9.96 -16.89 -2.35
CA ALA A 30 -10.14 -15.45 -2.15
C ALA A 30 -9.30 -14.66 -3.14
N LYS A 31 -8.09 -15.14 -3.42
CA LYS A 31 -7.18 -14.45 -4.36
C LYS A 31 -7.85 -14.32 -5.73
N LYS A 32 -8.39 -15.43 -6.21
CA LYS A 32 -9.09 -15.48 -7.51
C LYS A 32 -10.31 -14.56 -7.50
N LYS A 33 -11.15 -14.69 -6.48
CA LYS A 33 -12.34 -13.84 -6.38
C LYS A 33 -11.98 -12.35 -6.33
N LEU A 34 -10.92 -12.00 -5.59
CA LEU A 34 -10.44 -10.62 -5.51
C LEU A 34 -9.99 -10.11 -6.87
N ARG A 35 -9.34 -10.97 -7.68
CA ARG A 35 -8.89 -10.52 -8.99
C ARG A 35 -10.10 -10.06 -9.82
N GLY A 36 -11.10 -10.94 -9.94
CA GLY A 36 -12.31 -10.64 -10.75
C GLY A 36 -13.02 -9.40 -10.24
N PHE A 37 -13.17 -9.32 -8.92
CA PHE A 37 -13.89 -8.21 -8.30
C PHE A 37 -13.20 -6.84 -8.47
N ILE A 38 -11.90 -6.81 -8.18
CA ILE A 38 -11.11 -5.60 -8.26
C ILE A 38 -11.03 -5.13 -9.72
N ALA A 39 -10.82 -6.07 -10.64
CA ALA A 39 -10.77 -5.72 -12.06
C ALA A 39 -12.12 -5.13 -12.50
N GLU A 40 -13.20 -5.81 -12.17
CA GLU A 40 -14.55 -5.38 -12.60
C GLU A 40 -14.91 -4.02 -12.01
N LYS A 41 -14.57 -3.85 -10.74
CA LYS A 41 -14.94 -2.64 -10.02
C LYS A 41 -14.00 -1.45 -10.30
N ARG A 42 -12.87 -1.70 -10.98
CA ARG A 42 -11.86 -0.67 -11.29
C ARG A 42 -11.32 0.00 -10.03
N CYS A 43 -11.23 -0.76 -8.96
CA CYS A 43 -10.87 -0.19 -7.69
C CYS A 43 -9.51 -0.61 -7.21
N ALA A 44 -8.66 -1.13 -8.11
CA ALA A 44 -7.31 -1.53 -7.68
C ALA A 44 -6.58 -0.44 -6.87
N PRO A 45 -6.55 0.82 -7.36
CA PRO A 45 -5.80 1.82 -6.59
C PRO A 45 -6.30 1.98 -5.17
N LEU A 46 -7.61 2.04 -5.01
CA LEU A 46 -8.22 2.22 -3.69
C LEU A 46 -7.88 1.04 -2.79
N MET A 47 -7.83 -0.16 -3.36
CA MET A 47 -7.48 -1.37 -2.60
C MET A 47 -6.00 -1.35 -2.20
N LEU A 48 -5.14 -0.87 -3.10
CA LEU A 48 -3.72 -0.72 -2.76
C LEU A 48 -3.56 0.30 -1.64
N ARG A 49 -4.26 1.43 -1.76
CA ARG A 49 -4.28 2.44 -0.68
C ARG A 49 -4.73 1.82 0.65
N LEU A 50 -5.81 1.04 0.60
CA LEU A 50 -6.34 0.40 1.81
C LEU A 50 -5.29 -0.51 2.48
N ALA A 51 -4.61 -1.34 1.68
CA ALA A 51 -3.53 -2.20 2.19
C ALA A 51 -2.37 -1.39 2.79
N TRP A 52 -1.97 -0.34 2.06
CA TRP A 52 -0.88 0.53 2.51
C TRP A 52 -1.26 1.25 3.82
N ALA A 53 -2.47 1.82 3.88
CA ALA A 53 -2.91 2.54 5.08
C ALA A 53 -3.05 1.63 6.30
N SER A 54 -3.37 0.36 6.04
CA SER A 54 -3.45 -0.68 7.07
C SER A 54 -2.05 -0.94 7.63
N ALA A 55 -1.08 -1.09 6.74
CA ALA A 55 0.26 -1.51 7.14
C ALA A 55 1.14 -0.37 7.65
N GLY A 56 0.90 0.85 7.13
CA GLY A 56 1.84 1.97 7.29
C GLY A 56 1.85 2.59 8.67
N THR A 57 0.97 2.10 9.54
CA THR A 57 0.87 2.59 10.91
C THR A 57 1.81 1.83 11.85
N PHE A 58 2.58 0.88 11.32
CA PHE A 58 3.48 0.10 12.18
C PHE A 58 4.57 0.96 12.84
N ASP A 59 4.70 0.82 14.16
CA ASP A 59 5.81 1.44 14.88
C ASP A 59 6.69 0.34 15.47
N LYS A 60 7.91 0.22 14.95
CA LYS A 60 8.80 -0.89 15.30
C LYS A 60 9.19 -0.88 16.79
N GLY A 61 9.40 0.31 17.34
CA GLY A 61 9.87 0.46 18.72
C GLY A 61 8.87 -0.07 19.74
N THR A 62 7.59 0.12 19.43
CA THR A 62 6.50 -0.28 20.33
C THR A 62 5.79 -1.56 19.88
N LYS A 63 6.01 -1.94 18.61
CA LYS A 63 5.33 -3.08 17.99
C LYS A 63 3.81 -2.87 17.93
N THR A 64 3.41 -1.64 17.65
CA THR A 64 1.99 -1.30 17.60
C THR A 64 1.60 -0.90 16.19
N GLY A 65 0.30 -0.99 15.90
CA GLY A 65 -0.18 -0.71 14.55
C GLY A 65 0.27 -1.78 13.58
N GLY A 66 0.23 -1.45 12.30
CA GLY A 66 0.54 -2.44 11.28
C GLY A 66 -0.67 -3.17 10.74
N PRO A 67 -0.43 -4.10 9.81
CA PRO A 67 -1.45 -4.77 8.98
C PRO A 67 -2.25 -5.84 9.73
N PHE A 68 -3.06 -5.41 10.69
CA PHE A 68 -3.75 -6.34 11.58
C PHE A 68 -5.26 -6.11 11.64
N GLY A 69 -5.81 -5.73 10.49
CA GLY A 69 -7.27 -5.70 10.33
C GLY A 69 -7.98 -4.51 10.95
N THR A 70 -7.23 -3.60 11.56
CA THR A 70 -7.83 -2.51 12.34
C THR A 70 -8.47 -1.41 11.48
N ILE A 71 -8.09 -1.35 10.20
CA ILE A 71 -8.60 -0.32 9.29
C ILE A 71 -10.12 -0.39 9.12
N LYS A 72 -10.71 -1.56 9.36
CA LYS A 72 -12.18 -1.70 9.26
C LYS A 72 -12.91 -0.95 10.41
N HIS A 73 -12.17 -0.66 11.48
CA HIS A 73 -12.73 0.05 12.63
C HIS A 73 -13.11 1.49 12.25
N PRO A 74 -14.39 1.88 12.47
CA PRO A 74 -14.80 3.27 12.26
C PRO A 74 -13.78 4.30 12.78
N ALA A 75 -13.22 4.05 13.98
CA ALA A 75 -12.22 4.94 14.60
C ALA A 75 -11.00 5.18 13.72
N GLU A 76 -10.52 4.13 13.06
CA GLU A 76 -9.36 4.26 12.17
C GLU A 76 -9.74 4.85 10.81
N LEU A 77 -10.93 4.50 10.33
CA LEU A 77 -11.44 5.07 9.07
C LEU A 77 -11.62 6.57 9.20
N ALA A 78 -11.87 7.01 10.43
CA ALA A 78 -12.08 8.41 10.75
C ALA A 78 -10.81 9.25 10.72
N HIS A 79 -9.64 8.59 10.74
CA HIS A 79 -8.37 9.33 10.64
C HIS A 79 -8.37 10.14 9.35
N SER A 80 -7.96 11.41 9.43
CA SER A 80 -8.03 12.30 8.27
C SER A 80 -7.27 11.74 7.07
N ALA A 81 -6.16 11.06 7.33
CA ALA A 81 -5.34 10.46 6.26
C ALA A 81 -6.10 9.37 5.52
N ASN A 82 -7.15 8.85 6.15
CA ASN A 82 -7.92 7.71 5.64
C ASN A 82 -9.25 8.07 5.00
N ASN A 83 -9.47 9.35 4.69
CA ASN A 83 -10.69 9.81 4.02
CA ASN A 83 -10.68 9.81 4.03
C ASN A 83 -10.95 8.99 2.76
N GLY A 84 -12.16 8.45 2.66
CA GLY A 84 -12.56 7.66 1.49
C GLY A 84 -12.29 6.16 1.60
N LEU A 85 -11.49 5.73 2.56
CA LEU A 85 -11.22 4.30 2.70
C LEU A 85 -12.40 3.49 3.22
N ASP A 86 -13.39 4.17 3.80
CA ASP A 86 -14.65 3.53 4.17
C ASP A 86 -15.32 2.90 2.95
N ILE A 87 -15.16 3.53 1.79
CA ILE A 87 -15.63 2.97 0.52
C ILE A 87 -14.97 1.62 0.21
N ALA A 88 -13.66 1.55 0.41
CA ALA A 88 -12.87 0.32 0.18
C ALA A 88 -13.35 -0.81 1.08
N VAL A 89 -13.51 -0.48 2.37
CA VAL A 89 -13.95 -1.44 3.35
C VAL A 89 -15.35 -1.98 2.99
N ARG A 90 -16.27 -1.07 2.66
CA ARG A 90 -17.63 -1.43 2.25
C ARG A 90 -17.63 -2.32 1.00
N LEU A 91 -16.83 -1.94 -0.01
CA LEU A 91 -16.71 -2.71 -1.26
C LEU A 91 -16.31 -4.17 -1.01
N LEU A 92 -15.37 -4.37 -0.07
CA LEU A 92 -14.85 -5.72 0.21
C LEU A 92 -15.71 -6.57 1.14
N GLU A 93 -16.63 -5.95 1.87
CA GLU A 93 -17.37 -6.67 2.91
C GLU A 93 -18.15 -7.91 2.39
N PRO A 94 -18.92 -7.76 1.29
CA PRO A 94 -19.59 -8.96 0.73
C PRO A 94 -18.63 -10.10 0.37
N LEU A 95 -17.52 -9.78 -0.28
CA LEU A 95 -16.50 -10.78 -0.60
C LEU A 95 -15.88 -11.42 0.64
N LYS A 96 -15.50 -10.58 1.62
CA LYS A 96 -14.93 -11.07 2.86
C LYS A 96 -15.87 -12.08 3.55
N ALA A 97 -17.16 -11.80 3.48
CA ALA A 97 -18.20 -12.66 4.09
C ALA A 97 -18.23 -14.06 3.50
N GLU A 98 -17.75 -14.20 2.27
CA GLU A 98 -17.61 -15.51 1.63
C GLU A 98 -16.42 -16.29 2.19
N PHE A 99 -15.54 -15.60 2.93
CA PHE A 99 -14.33 -16.23 3.47
C PHE A 99 -14.22 -15.97 4.97
N PRO A 100 -15.19 -16.49 5.74
CA PRO A 100 -15.19 -16.26 7.18
C PRO A 100 -13.92 -16.75 7.89
N ILE A 101 -13.27 -17.78 7.34
CA ILE A 101 -12.05 -18.32 7.96
C ILE A 101 -10.86 -17.34 7.92
N LEU A 102 -10.80 -16.47 6.91
CA LEU A 102 -9.67 -15.53 6.77
C LEU A 102 -9.76 -14.36 7.76
N SER A 103 -8.63 -13.96 8.33
CA SER A 103 -8.57 -12.71 9.09
C SER A 103 -8.82 -11.53 8.13
N TYR A 104 -9.44 -10.48 8.65
CA TYR A 104 -9.50 -9.22 7.91
C TYR A 104 -8.10 -8.75 7.55
N ALA A 105 -7.17 -8.94 8.48
CA ALA A 105 -5.76 -8.56 8.31
C ALA A 105 -5.21 -9.16 7.03
N ASP A 106 -5.29 -10.48 6.91
CA ASP A 106 -4.86 -11.19 5.70
C ASP A 106 -5.64 -10.73 4.47
N PHE A 107 -6.96 -10.58 4.63
CA PHE A 107 -7.81 -10.30 3.48
C PHE A 107 -7.44 -8.97 2.83
N TYR A 108 -7.23 -7.95 3.64
CA TYR A 108 -6.90 -6.63 3.14
C TYR A 108 -5.52 -6.62 2.50
N GLN A 109 -4.56 -7.31 3.10
CA GLN A 109 -3.24 -7.40 2.48
C GLN A 109 -3.28 -8.19 1.17
N LEU A 110 -4.07 -9.25 1.14
CA LEU A 110 -4.30 -10.01 -0.08
C LEU A 110 -4.90 -9.11 -1.16
N ALA A 111 -5.90 -8.30 -0.81
CA ALA A 111 -6.48 -7.33 -1.74
C ALA A 111 -5.42 -6.40 -2.33
N GLY A 112 -4.47 -5.96 -1.49
CA GLY A 112 -3.40 -5.07 -1.94
C GLY A 112 -2.50 -5.77 -2.95
N VAL A 113 -2.12 -7.01 -2.63
CA VAL A 113 -1.26 -7.82 -3.51
C VAL A 113 -1.98 -8.03 -4.85
N VAL A 114 -3.27 -8.40 -4.78
CA VAL A 114 -4.07 -8.61 -6.01
C VAL A 114 -4.18 -7.31 -6.84
N ALA A 115 -4.41 -6.20 -6.15
CA ALA A 115 -4.48 -4.88 -6.80
C ALA A 115 -3.27 -4.60 -7.69
N VAL A 116 -2.08 -4.87 -7.17
CA VAL A 116 -0.86 -4.70 -7.93
C VAL A 116 -0.83 -5.69 -9.11
N GLU A 117 -1.20 -6.94 -8.84
CA GLU A 117 -1.17 -7.97 -9.89
C GLU A 117 -2.11 -7.66 -11.06
N VAL A 118 -3.36 -7.33 -10.77
CA VAL A 118 -4.37 -7.20 -11.83
C VAL A 118 -4.14 -5.98 -12.70
N THR A 119 -3.39 -5.01 -12.18
CA THR A 119 -3.05 -3.79 -12.93
C THR A 119 -1.74 -3.97 -13.73
N GLY A 120 -1.16 -5.16 -13.70
CA GLY A 120 0.04 -5.52 -14.49
C GLY A 120 1.36 -5.45 -13.74
N GLY A 121 1.28 -5.38 -12.41
CA GLY A 121 2.46 -5.21 -11.56
C GLY A 121 3.10 -6.55 -11.21
N PRO A 122 4.20 -6.50 -10.42
CA PRO A 122 4.88 -7.72 -10.03
C PRO A 122 3.97 -8.55 -9.13
N GLU A 123 4.28 -9.84 -9.04
CA GLU A 123 3.57 -10.74 -8.14
C GLU A 123 4.27 -10.69 -6.78
N VAL A 124 3.63 -10.06 -5.82
CA VAL A 124 4.22 -9.86 -4.51
C VAL A 124 3.94 -11.12 -3.69
N PRO A 125 5.00 -11.77 -3.16
CA PRO A 125 4.76 -12.97 -2.36
C PRO A 125 3.79 -12.70 -1.21
N PHE A 126 2.96 -13.68 -0.90
CA PHE A 126 1.98 -13.51 0.16
C PHE A 126 2.04 -14.69 1.10
N HIS A 127 2.10 -14.40 2.40
CA HIS A 127 2.09 -15.41 3.44
C HIS A 127 0.93 -15.14 4.40
N PRO A 128 0.05 -16.14 4.62
CA PRO A 128 -1.11 -15.94 5.50
C PRO A 128 -0.74 -16.03 6.98
N GLY A 129 -1.69 -15.63 7.84
CA GLY A 129 -1.54 -15.85 9.28
C GLY A 129 -1.60 -14.62 10.16
N ARG A 130 -1.80 -13.44 9.58
CA ARG A 130 -1.96 -12.23 10.40
C ARG A 130 -3.21 -12.37 11.23
N GLU A 131 -3.14 -12.03 12.51
CA GLU A 131 -4.32 -12.05 13.37
C GLU A 131 -4.97 -10.67 13.44
N ASP A 132 -6.28 -10.65 13.59
CA ASP A 132 -6.99 -9.38 13.74
C ASP A 132 -6.80 -8.87 15.16
N LYS A 133 -6.22 -7.68 15.27
CA LYS A 133 -6.01 -7.09 16.61
C LYS A 133 -7.16 -6.18 17.02
N PRO A 134 -7.46 -6.11 18.33
CA PRO A 134 -8.59 -5.34 18.83
C PRO A 134 -8.48 -3.81 18.73
N GLU A 135 -7.26 -3.27 18.83
CA GLU A 135 -7.11 -1.82 18.95
CA GLU A 135 -7.08 -1.82 18.97
C GLU A 135 -6.34 -1.18 17.80
N PRO A 136 -7.00 -0.22 17.13
CA PRO A 136 -6.36 0.61 16.11
CA PRO A 136 -6.36 0.61 16.11
C PRO A 136 -5.22 1.41 16.73
N PRO A 137 -4.16 1.70 15.94
CA PRO A 137 -3.09 2.51 16.47
C PRO A 137 -3.57 3.96 16.62
N PRO A 138 -2.80 4.80 17.31
CA PRO A 138 -3.12 6.23 17.40
C PRO A 138 -3.10 6.88 16.02
N GLU A 139 -3.94 7.89 15.83
CA GLU A 139 -3.91 8.67 14.59
C GLU A 139 -2.59 9.41 14.43
N GLY A 140 -2.18 9.64 13.19
CA GLY A 140 -1.06 10.54 12.89
C GLY A 140 0.22 9.89 12.41
N ARG A 141 0.21 8.57 12.22
CA ARG A 141 1.43 7.87 11.82
C ARG A 141 1.64 7.83 10.32
N LEU A 142 0.54 7.92 9.57
CA LEU A 142 0.67 7.94 8.12
C LEU A 142 1.36 9.23 7.68
N PRO A 143 2.18 9.17 6.62
CA PRO A 143 2.95 10.35 6.20
C PRO A 143 2.07 11.47 5.66
N ASP A 144 2.58 12.69 5.83
CA ASP A 144 1.98 13.95 5.45
C ASP A 144 2.50 14.30 4.05
N ALA A 145 1.58 14.41 3.09
CA ALA A 145 1.92 14.64 1.69
C ALA A 145 2.61 15.99 1.40
N THR A 146 2.57 16.89 2.38
CA THR A 146 3.15 18.23 2.22
C THR A 146 4.58 18.31 2.75
N LYS A 147 5.05 17.24 3.36
CA LYS A 147 6.40 17.22 3.95
C LYS A 147 7.44 16.58 3.02
N GLY A 148 8.67 16.48 3.48
CA GLY A 148 9.76 16.05 2.61
C GLY A 148 10.50 14.82 3.07
N SER A 149 11.77 14.75 2.68
CA SER A 149 12.60 13.58 2.88
C SER A 149 12.82 13.20 4.34
N ASP A 150 13.06 14.18 5.20
N ASP A 150 13.07 14.18 5.20
CA ASP A 150 13.24 13.97 6.64
CA ASP A 150 13.25 13.96 6.63
C ASP A 150 12.02 13.26 7.23
C ASP A 150 12.02 13.25 7.22
N HIS A 151 10.84 13.78 6.90
CA HIS A 151 9.57 13.20 7.32
C HIS A 151 9.38 11.77 6.81
N LEU A 152 9.65 11.56 5.52
CA LEU A 152 9.55 10.22 4.96
C LEU A 152 10.43 9.21 5.73
N ARG A 153 11.65 9.61 6.06
CA ARG A 153 12.56 8.75 6.84
C ARG A 153 12.05 8.50 8.27
N ASP A 154 11.49 9.53 8.91
CA ASP A 154 10.85 9.37 10.21
C ASP A 154 9.75 8.28 10.18
N VAL A 155 8.90 8.32 9.15
CA VAL A 155 7.71 7.48 9.08
C VAL A 155 8.08 6.07 8.60
N PHE A 156 8.70 6.00 7.43
CA PHE A 156 9.10 4.71 6.87
C PHE A 156 10.28 4.05 7.58
N GLY A 157 11.22 4.87 8.06
CA GLY A 157 12.46 4.35 8.63
C GLY A 157 12.36 4.18 10.12
N LYS A 158 12.18 5.29 10.83
CA LYS A 158 12.19 5.28 12.29
C LYS A 158 10.98 4.52 12.86
N ALA A 159 9.80 4.71 12.25
CA ALA A 159 8.60 4.00 12.70
C ALA A 159 8.50 2.62 12.07
N MET A 160 8.29 2.57 10.76
CA MET A 160 8.02 1.27 10.12
C MET A 160 9.22 0.33 10.11
N GLY A 161 10.43 0.87 9.97
CA GLY A 161 11.63 0.04 9.89
C GLY A 161 12.00 -0.39 8.48
N LEU A 162 11.51 0.35 7.48
CA LEU A 162 11.80 0.12 6.06
C LEU A 162 13.02 0.94 5.62
N THR A 163 13.60 0.57 4.48
CA THR A 163 14.85 1.18 3.98
C THR A 163 14.59 2.36 3.05
N ASP A 164 15.63 3.13 2.76
CA ASP A 164 15.52 4.23 1.79
C ASP A 164 15.08 3.70 0.43
N GLN A 165 15.63 2.57 0.03
CA GLN A 165 15.20 1.93 -1.22
C GLN A 165 13.71 1.63 -1.19
N ASP A 166 13.23 1.06 -0.08
CA ASP A 166 11.80 0.75 0.08
C ASP A 166 10.95 2.03 -0.07
N ILE A 167 11.43 3.14 0.48
CA ILE A 167 10.67 4.40 0.37
C ILE A 167 10.41 4.80 -1.09
N VAL A 168 11.46 4.78 -1.91
CA VAL A 168 11.35 5.21 -3.30
C VAL A 168 10.48 4.22 -4.08
N ALA A 169 10.78 2.93 -3.94
CA ALA A 169 10.02 1.89 -4.64
C ALA A 169 8.52 1.97 -4.30
N LEU A 170 8.20 2.03 -2.99
CA LEU A 170 6.80 2.11 -2.55
C LEU A 170 6.07 3.37 -3.01
N SER A 171 6.78 4.50 -3.10
CA SER A 171 6.23 5.74 -3.66
C SER A 171 5.72 5.49 -5.08
N GLY A 172 6.36 4.54 -5.77
CA GLY A 172 5.92 4.07 -7.09
C GLY A 172 4.51 3.48 -7.14
N GLY A 173 3.93 3.18 -5.98
CA GLY A 173 2.54 2.74 -5.87
C GLY A 173 1.58 3.76 -6.49
N HIS A 174 2.01 5.02 -6.52
CA HIS A 174 1.24 6.10 -7.11
C HIS A 174 1.19 5.99 -8.65
N THR A 175 1.86 4.98 -9.18
CA THR A 175 1.71 4.67 -10.60
C THR A 175 0.27 4.23 -10.96
N ILE A 176 -0.50 3.87 -9.94
CA ILE A 176 -1.93 3.65 -10.11
C ILE A 176 -2.73 4.58 -9.20
N GLY A 177 -3.89 5.00 -9.69
CA GLY A 177 -4.80 5.80 -8.90
C GLY A 177 -4.66 7.29 -9.06
N ALA A 178 -5.31 8.00 -8.15
CA ALA A 178 -5.48 9.44 -8.21
C ALA A 178 -5.84 9.94 -6.84
N ALA A 179 -5.53 11.22 -6.60
CA ALA A 179 -6.01 11.92 -5.43
C ALA A 179 -7.36 12.52 -5.76
N HIS A 180 -8.12 12.85 -4.72
CA HIS A 180 -9.47 13.39 -4.89
C HIS A 180 -9.61 14.56 -3.94
N LYS A 181 -10.10 15.69 -4.44
CA LYS A 181 -10.16 16.93 -3.66
C LYS A 181 -11.07 16.79 -2.42
N GLU A 182 -12.03 15.87 -2.48
CA GLU A 182 -12.91 15.60 -1.34
C GLU A 182 -12.32 14.64 -0.31
N ARG A 183 -11.20 13.99 -0.66
CA ARG A 183 -10.52 13.07 0.25
C ARG A 183 -9.30 13.74 0.86
N SER A 184 -8.15 13.70 0.18
CA SER A 184 -6.97 14.44 0.68
C SER A 184 -7.10 15.95 0.46
N GLY A 185 -7.67 16.35 -0.68
CA GLY A 185 -7.64 17.75 -1.11
C GLY A 185 -6.84 17.88 -2.39
N PHE A 186 -5.82 17.02 -2.55
CA PHE A 186 -5.10 16.90 -3.81
C PHE A 186 -6.02 16.26 -4.84
N GLU A 187 -5.72 16.42 -6.14
CA GLU A 187 -6.66 16.03 -7.18
C GLU A 187 -5.99 15.56 -8.46
N GLY A 188 -6.40 14.37 -8.89
CA GLY A 188 -5.94 13.82 -10.15
C GLY A 188 -4.91 12.70 -10.05
N PRO A 189 -4.68 12.03 -11.20
CA PRO A 189 -3.76 10.90 -11.27
C PRO A 189 -2.32 11.37 -11.41
N TRP A 190 -1.40 10.52 -10.99
CA TRP A 190 0.04 10.75 -11.16
C TRP A 190 0.48 10.43 -12.59
N THR A 191 -0.27 9.57 -13.27
CA THR A 191 0.14 9.07 -14.60
C THR A 191 -1.00 9.14 -15.61
N SER A 192 -0.65 8.99 -16.88
CA SER A 192 -1.62 8.94 -17.97
C SER A 192 -2.39 7.64 -17.98
N ASN A 193 -1.87 6.63 -17.27
CA ASN A 193 -2.52 5.33 -17.19
CA ASN A 193 -2.53 5.32 -17.18
C ASN A 193 -2.70 4.87 -15.74
N PRO A 194 -3.67 5.49 -15.03
CA PRO A 194 -3.84 5.25 -13.59
C PRO A 194 -4.38 3.87 -13.21
N LEU A 195 -4.71 3.04 -14.18
CA LEU A 195 -5.07 1.66 -13.85
C LEU A 195 -4.02 0.67 -14.36
N ILE A 196 -2.87 1.19 -14.78
CA ILE A 196 -1.78 0.34 -15.26
C ILE A 196 -0.59 0.52 -14.34
N PHE A 197 -0.09 -0.60 -13.81
CA PHE A 197 1.05 -0.59 -12.93
C PHE A 197 2.35 -0.66 -13.74
N ASP A 198 3.06 0.45 -13.79
CA ASP A 198 4.33 0.49 -14.51
C ASP A 198 5.24 1.51 -13.86
N ASN A 199 6.38 1.80 -14.48
CA ASN A 199 7.33 2.77 -13.91
C ASN A 199 7.05 4.24 -14.30
N SER A 200 5.86 4.52 -14.84
CA SER A 200 5.51 5.85 -15.36
C SER A 200 5.53 6.94 -14.29
N TYR A 201 5.25 6.56 -13.04
CA TYR A 201 5.36 7.48 -11.92
C TYR A 201 6.72 8.18 -11.89
N PHE A 202 7.80 7.42 -12.05
CA PHE A 202 9.16 7.97 -12.02
C PHE A 202 9.48 8.76 -13.28
N THR A 203 8.99 8.28 -14.41
CA THR A 203 9.12 9.00 -15.68
C THR A 203 8.48 10.39 -15.58
N GLU A 204 7.26 10.44 -15.05
CA GLU A 204 6.52 11.70 -14.91
C GLU A 204 7.22 12.62 -13.90
N LEU A 205 7.65 12.04 -12.78
CA LEU A 205 8.36 12.78 -11.74
C LEU A 205 9.57 13.51 -12.33
N LEU A 206 10.31 12.83 -13.20
CA LEU A 206 11.51 13.37 -13.84
C LEU A 206 11.25 14.46 -14.89
N SER A 207 10.24 14.27 -15.73
CA SER A 207 9.96 15.13 -16.86
C SER A 207 9.46 16.52 -16.48
N GLY A 208 9.13 16.70 -15.20
CA GLY A 208 8.52 17.94 -14.70
C GLY A 208 7.01 17.84 -14.55
N GLU A 209 6.39 18.97 -14.23
CA GLU A 209 4.93 19.05 -14.14
C GLU A 209 4.31 19.09 -15.54
N LYS A 210 3.39 18.17 -15.78
CA LYS A 210 2.62 18.12 -17.01
C LYS A 210 1.19 18.36 -16.57
N GLU A 211 0.46 19.19 -17.33
CA GLU A 211 -0.91 19.52 -16.97
CA GLU A 211 -0.94 19.52 -17.02
C GLU A 211 -1.77 18.25 -16.92
N GLY A 212 -2.68 18.22 -15.95
CA GLY A 212 -3.55 17.07 -15.76
C GLY A 212 -2.96 16.00 -14.86
N LEU A 213 -1.66 16.10 -14.56
CA LEU A 213 -0.98 15.10 -13.72
C LEU A 213 -0.51 15.67 -12.37
N LEU A 214 -0.62 14.84 -11.34
CA LEU A 214 -0.32 15.23 -9.96
C LEU A 214 1.11 14.89 -9.54
N GLN A 215 1.72 15.81 -8.80
CA GLN A 215 2.92 15.52 -8.02
C GLN A 215 2.68 16.13 -6.64
N LEU A 216 2.67 15.28 -5.61
CA LEU A 216 2.63 15.75 -4.22
C LEU A 216 4.01 16.27 -3.83
N PRO A 217 4.08 17.20 -2.86
CA PRO A 217 5.41 17.58 -2.33
C PRO A 217 6.23 16.36 -1.87
N SER A 218 5.56 15.36 -1.30
CA SER A 218 6.22 14.12 -0.88
C SER A 218 6.84 13.34 -2.05
N ASP A 219 6.22 13.42 -3.24
CA ASP A 219 6.76 12.81 -4.46
C ASP A 219 8.00 13.61 -4.89
N LYS A 220 7.85 14.93 -4.92
CA LYS A 220 8.92 15.83 -5.36
C LYS A 220 10.16 15.73 -4.50
N ALA A 221 9.96 15.38 -3.23
CA ALA A 221 11.03 15.23 -2.24
C ALA A 221 12.04 14.14 -2.66
N LEU A 222 11.56 13.13 -3.39
CA LEU A 222 12.43 12.07 -3.89
C LEU A 222 13.48 12.59 -4.88
N LEU A 223 13.13 13.67 -5.58
CA LEU A 223 13.98 14.22 -6.65
C LEU A 223 15.21 14.96 -6.14
N SER A 224 15.08 15.54 -4.95
CA SER A 224 16.13 16.39 -4.39
C SER A 224 17.00 15.67 -3.35
N ASP A 225 16.56 14.50 -2.90
CA ASP A 225 17.34 13.76 -1.90
C ASP A 225 18.49 12.99 -2.54
N PRO A 226 19.71 13.13 -1.98
CA PRO A 226 20.89 12.43 -2.52
C PRO A 226 20.76 10.91 -2.62
N VAL A 227 20.02 10.28 -1.71
CA VAL A 227 19.81 8.83 -1.75
C VAL A 227 18.61 8.47 -2.64
N PHE A 228 17.52 9.23 -2.52
CA PHE A 228 16.30 8.90 -3.27
C PHE A 228 16.48 9.12 -4.77
N ARG A 229 17.15 10.19 -5.16
CA ARG A 229 17.25 10.54 -6.59
C ARG A 229 17.82 9.45 -7.51
N PRO A 230 18.98 8.86 -7.17
CA PRO A 230 19.49 7.77 -8.02
C PRO A 230 18.52 6.60 -8.20
N LEU A 231 17.69 6.35 -7.19
CA LEU A 231 16.67 5.30 -7.26
C LEU A 231 15.54 5.68 -8.19
N VAL A 232 15.08 6.93 -8.09
CA VAL A 232 14.13 7.47 -9.08
C VAL A 232 14.70 7.29 -10.50
N ASP A 233 15.96 7.67 -10.69
CA ASP A 233 16.63 7.54 -11.98
C ASP A 233 16.66 6.09 -12.44
N LYS A 234 17.02 5.20 -11.52
CA LYS A 234 17.12 3.77 -11.81
C LYS A 234 15.79 3.21 -12.28
N TYR A 235 14.73 3.51 -11.53
CA TYR A 235 13.39 3.00 -11.80
C TYR A 235 12.80 3.57 -13.09
N ALA A 236 13.04 4.86 -13.35
CA ALA A 236 12.62 5.45 -14.63
C ALA A 236 13.32 4.79 -15.82
N ALA A 237 14.58 4.39 -15.66
CA ALA A 237 15.35 3.76 -16.74
C ALA A 237 15.09 2.25 -16.88
N ASP A 238 14.70 1.60 -15.78
CA ASP A 238 14.68 0.14 -15.72
C ASP A 238 13.43 -0.31 -14.95
N GLU A 239 12.36 -0.62 -15.69
CA GLU A 239 11.09 -1.02 -15.06
C GLU A 239 11.21 -2.36 -14.35
N ASP A 240 12.03 -3.26 -14.90
CA ASP A 240 12.33 -4.55 -14.27
C ASP A 240 12.91 -4.35 -12.86
N ALA A 241 13.88 -3.44 -12.75
CA ALA A 241 14.49 -3.07 -11.46
C ALA A 241 13.45 -2.53 -10.50
N PHE A 242 12.60 -1.63 -10.99
CA PHE A 242 11.48 -1.12 -10.20
C PHE A 242 10.59 -2.27 -9.69
N PHE A 243 10.15 -3.13 -10.61
CA PHE A 243 9.29 -4.24 -10.25
C PHE A 243 9.89 -5.14 -9.16
N ALA A 244 11.20 -5.42 -9.26
CA ALA A 244 11.87 -6.26 -8.28
C ALA A 244 11.89 -5.55 -6.92
N ASP A 245 12.29 -4.29 -6.93
CA ASP A 245 12.46 -3.54 -5.69
C ASP A 245 11.08 -3.26 -5.08
N TYR A 246 10.10 -2.98 -5.94
CA TYR A 246 8.72 -2.78 -5.51
C TYR A 246 8.17 -4.05 -4.82
N ALA A 247 8.33 -5.20 -5.47
CA ALA A 247 7.85 -6.46 -4.90
C ALA A 247 8.45 -6.73 -3.52
N GLU A 248 9.74 -6.48 -3.38
CA GLU A 248 10.44 -6.63 -2.11
C GLU A 248 9.84 -5.73 -1.04
N ALA A 249 9.69 -4.46 -1.39
CA ALA A 249 9.22 -3.44 -0.46
C ALA A 249 7.75 -3.69 -0.05
N HIS A 250 6.91 -4.04 -1.01
CA HIS A 250 5.49 -4.27 -0.73
C HIS A 250 5.37 -5.49 0.19
N GLN A 251 6.12 -6.54 -0.11
CA GLN A 251 6.11 -7.70 0.78
C GLN A 251 6.46 -7.27 2.22
N LYS A 252 7.56 -6.56 2.38
CA LYS A 252 7.99 -6.11 3.71
C LYS A 252 6.91 -5.27 4.38
N LEU A 253 6.36 -4.31 3.64
CA LEU A 253 5.28 -3.45 4.14
C LEU A 253 4.08 -4.29 4.64
N SER A 254 3.64 -5.22 3.80
CA SER A 254 2.49 -6.07 4.10
C SER A 254 2.73 -6.99 5.32
N GLU A 255 4.01 -7.15 5.71
CA GLU A 255 4.39 -8.06 6.79
C GLU A 255 4.98 -7.37 8.02
N LEU A 256 4.89 -6.05 8.06
CA LEU A 256 5.36 -5.28 9.25
C LEU A 256 4.69 -5.80 10.53
N GLY A 257 5.52 -6.12 11.54
CA GLY A 257 5.01 -6.63 12.81
C GLY A 257 4.48 -8.05 12.77
N PHE A 258 4.60 -8.69 11.62
CA PHE A 258 4.01 -10.00 11.39
C PHE A 258 5.12 -11.01 11.15
N ALA A 259 5.11 -12.10 11.91
CA ALA A 259 6.10 -13.17 11.78
C ALA A 259 7.51 -12.64 12.06
N ASP A 260 7.57 -11.72 13.02
CA ASP A 260 8.75 -10.89 13.42
C ASP A 260 8.98 -9.58 12.64
N ALA A 261 8.45 -8.47 13.18
CA ALA A 261 9.01 -7.13 12.93
C ALA A 261 8.91 -6.26 14.17
CHA HEM B . -3.34 8.09 -2.78
CHB HEM B . -0.11 10.38 0.06
CHC HEM B . 2.60 6.36 0.08
CHD HEM B . -0.61 4.08 -2.66
C1A HEM B . -2.72 9.05 -2.00
C2A HEM B . -3.23 10.35 -1.70
C3A HEM B . -2.36 11.00 -0.92
C4A HEM B . -1.23 10.11 -0.69
CMA HEM B . -2.50 12.44 -0.35
CAA HEM B . -4.59 10.86 -2.23
CBA HEM B . -5.77 10.37 -1.39
CGA HEM B . -6.99 10.89 -2.10
O1A HEM B . -7.17 12.14 -2.14
O2A HEM B . -7.76 10.08 -2.70
C1B HEM B . 0.96 9.52 0.24
C2B HEM B . 2.23 9.85 0.86
C3B HEM B . 2.98 8.74 0.86
C4B HEM B . 2.20 7.67 0.22
CMB HEM B . 2.58 11.24 1.40
CAB HEM B . 4.43 8.58 1.38
CBB HEM B . 5.37 8.07 0.55
C1C HEM B . 1.94 5.34 -0.57
C2C HEM B . 2.35 3.96 -0.63
C3C HEM B . 1.45 3.30 -1.40
C4C HEM B . 0.46 4.30 -1.84
CMC HEM B . 3.59 3.40 0.10
CAC HEM B . 1.37 1.81 -1.80
CBC HEM B . 2.47 1.09 -2.09
C1D HEM B . -1.59 4.96 -3.05
C2D HEM B . -2.59 4.72 -4.06
C3D HEM B . -3.45 5.97 -4.09
C4D HEM B . -2.87 6.85 -3.09
CMD HEM B . -2.76 3.46 -4.95
CAD HEM B . -4.65 6.28 -4.99
CBD HEM B . -5.96 5.90 -4.31
CGD HEM B . -7.10 6.07 -5.30
O1D HEM B . -6.87 6.08 -6.54
O2D HEM B . -8.24 6.20 -4.82
NA HEM B . -1.51 8.92 -1.36
NB HEM B . 0.97 8.18 -0.11
NC HEM B . 0.80 5.51 -1.31
ND HEM B . -1.78 6.23 -2.52
FE HEM B . -0.26 7.23 -1.45
C2 ISZ C . -1.72 9.86 3.12
C4 ISZ C . -0.98 8.71 2.83
N1 ISZ C . -1.48 7.75 2.01
C5 ISZ C . -2.71 7.87 1.46
C3 ISZ C . -3.49 9.00 1.75
C1 ISZ C . -2.99 10.01 2.57
C6 ISZ C . -3.83 11.23 2.88
O1 ISZ C . -4.87 11.41 2.25
N2 ISZ C . -3.42 12.10 3.80
N3 ISZ C . -4.21 13.23 4.12
C2 ISZ D . -16.84 2.60 -5.51
C4 ISZ D . -17.98 1.87 -5.82
N1 ISZ D . -18.03 1.13 -6.95
C5 ISZ D . -16.99 1.09 -7.79
C3 ISZ D . -15.81 1.80 -7.53
C1 ISZ D . -15.76 2.57 -6.38
C6 ISZ D . -14.51 3.34 -6.08
O1 ISZ D . -13.44 2.80 -6.28
N2 ISZ D . -14.61 4.59 -5.61
N3 ISZ D . -13.53 5.48 -5.60
S SO4 E . 10.45 17.67 6.11
O1 SO4 E . 10.31 17.70 7.56
O2 SO4 E . 11.66 18.39 5.70
O3 SO4 E . 10.58 16.27 5.70
O4 SO4 E . 9.29 18.31 5.50
#